data_8ON4
#
_entry.id   8ON4
#
_cell.length_a   82.940
_cell.length_b   82.940
_cell.length_c   67.670
_cell.angle_alpha   90.00
_cell.angle_beta   90.00
_cell.angle_gamma   120.00
#
_symmetry.space_group_name_H-M   'H 3'
#
loop_
_entity.id
_entity.type
_entity.pdbx_description
1 polymer 'Cell wall surface anchor family protein'
2 water water
#
_entity_poly.entity_id   1
_entity_poly.type   'polypeptide(L)'
_entity_poly.pdbx_seq_one_letter_code
;GSAGTLAAPTAVTSGQSLTSLTAFAYNGTQYQSGGNASINFVATEAHTASAGGAKIIFNTTNNGATGSTEKVVIDQNGNV
GVGVGAPTAKMDVNGGIKQPNYGIISAVRNSGGVTASMPWTNAYVLAHQGEMHQWVAGGPILQDSVTGCNAGPDAGVKFD
SIATSWGGPYKVIFHTTGSNGAIHLEWSGWQVSLKNSAGTELAIGMGQVFATLHYDPAVSNWRVEHMFGRINNTNFTCW
;
_entity_poly.pdbx_strand_id   A
#
# COMPACT_ATOMS: atom_id res chain seq x y z
N ASN A 36 7.54 -35.15 -7.04
CA ASN A 36 6.69 -35.58 -5.94
C ASN A 36 6.38 -34.45 -4.96
N ALA A 37 5.15 -34.45 -4.46
CA ALA A 37 4.71 -33.50 -3.46
C ALA A 37 3.97 -34.28 -2.38
N SER A 38 3.96 -33.74 -1.16
CA SER A 38 3.34 -34.48 -0.07
C SER A 38 3.06 -33.54 1.09
N ILE A 39 2.17 -33.98 1.97
CA ILE A 39 1.82 -33.24 3.18
C ILE A 39 1.97 -34.21 4.35
N ASN A 40 2.79 -33.84 5.33
CA ASN A 40 3.09 -34.70 6.47
C ASN A 40 2.64 -34.07 7.77
N PHE A 41 2.11 -34.90 8.66
CA PHE A 41 1.80 -34.49 10.02
C PHE A 41 2.92 -35.04 10.90
N VAL A 42 3.59 -34.15 11.63
CA VAL A 42 4.84 -34.48 12.31
C VAL A 42 4.74 -34.08 13.78
N ALA A 43 5.08 -35.00 14.67
CA ALA A 43 5.11 -34.69 16.09
C ALA A 43 6.19 -33.64 16.39
N THR A 44 5.86 -32.68 17.25
CA THR A 44 6.79 -31.62 17.63
C THR A 44 7.30 -31.75 19.07
N GLU A 45 7.02 -32.88 19.71
CA GLU A 45 7.44 -33.18 21.08
C GLU A 45 7.17 -34.65 21.32
N ALA A 46 7.69 -35.16 22.43
CA ALA A 46 7.36 -36.52 22.84
C ALA A 46 5.87 -36.59 23.20
N HIS A 47 5.24 -37.72 22.86
CA HIS A 47 3.83 -37.95 23.16
C HIS A 47 3.72 -39.14 24.11
N THR A 48 3.40 -38.89 25.38
CA THR A 48 3.16 -39.96 26.33
C THR A 48 1.70 -40.42 26.26
N ALA A 49 0.77 -39.48 26.38
CA ALA A 49 -0.60 -39.73 25.98
C ALA A 49 -0.64 -39.78 24.45
N SER A 50 -1.62 -40.52 23.93
CA SER A 50 -1.75 -40.67 22.48
C SER A 50 -1.70 -39.35 21.73
N ALA A 51 -2.09 -38.26 22.40
CA ALA A 51 -2.13 -36.93 21.82
C ALA A 51 -0.96 -36.08 22.30
N GLY A 52 -0.52 -35.17 21.44
CA GLY A 52 0.57 -34.26 21.77
C GLY A 52 0.77 -33.29 20.63
N GLY A 53 1.79 -32.45 20.79
CA GLY A 53 2.05 -31.40 19.81
C GLY A 53 2.45 -31.96 18.45
N ALA A 54 2.00 -31.26 17.40
CA ALA A 54 2.21 -31.71 16.03
C ALA A 54 2.12 -30.50 15.10
N LYS A 55 2.80 -30.61 13.94
CA LYS A 55 2.81 -29.60 12.89
C LYS A 55 2.45 -30.23 11.56
N ILE A 56 2.13 -29.37 10.59
CA ILE A 56 1.90 -29.78 9.21
C ILE A 56 3.05 -29.26 8.37
N ILE A 57 3.69 -30.15 7.61
CA ILE A 57 4.73 -29.76 6.68
C ILE A 57 4.30 -30.07 5.25
N PHE A 58 4.67 -29.18 4.34
CA PHE A 58 4.29 -29.27 2.93
C PHE A 58 5.59 -29.35 2.16
N ASN A 59 5.74 -30.44 1.40
CA ASN A 59 6.94 -30.77 0.65
C ASN A 59 6.62 -30.77 -0.84
N THR A 60 7.50 -30.14 -1.62
CA THR A 60 7.47 -30.21 -3.07
C THR A 60 8.88 -30.47 -3.60
N THR A 61 8.96 -30.99 -4.82
CA THR A 61 10.23 -31.26 -5.48
C THR A 61 10.50 -30.13 -6.45
N ASN A 62 11.65 -29.48 -6.30
CA ASN A 62 12.09 -28.51 -7.30
C ASN A 62 12.24 -29.18 -8.66
N ASN A 63 11.91 -28.43 -9.70
CA ASN A 63 12.18 -28.86 -11.06
C ASN A 63 13.65 -29.27 -11.20
N GLY A 64 13.88 -30.39 -11.87
CA GLY A 64 15.21 -30.94 -11.98
C GLY A 64 15.67 -31.75 -10.79
N ALA A 65 15.00 -31.66 -9.65
CA ALA A 65 15.36 -32.47 -8.50
C ALA A 65 14.60 -33.80 -8.53
N THR A 66 15.06 -34.74 -7.68
CA THR A 66 14.39 -36.02 -7.54
C THR A 66 13.77 -36.23 -6.18
N GLY A 67 14.23 -35.52 -5.16
CA GLY A 67 13.67 -35.60 -3.83
C GLY A 67 12.89 -34.34 -3.49
N SER A 68 11.82 -34.52 -2.74
CA SER A 68 11.06 -33.37 -2.26
C SER A 68 11.77 -32.77 -1.05
N THR A 69 11.55 -31.47 -0.86
CA THR A 69 12.10 -30.73 0.26
C THR A 69 10.96 -29.98 0.91
N GLU A 70 11.10 -29.74 2.21
CA GLU A 70 10.05 -29.02 2.92
C GLU A 70 10.04 -27.54 2.53
N LYS A 71 8.87 -27.07 2.09
CA LYS A 71 8.71 -25.70 1.64
C LYS A 71 7.88 -24.83 2.57
N VAL A 72 6.90 -25.41 3.26
CA VAL A 72 6.06 -24.64 4.17
C VAL A 72 5.79 -25.46 5.41
N VAL A 73 5.61 -24.79 6.55
CA VAL A 73 5.20 -25.45 7.79
C VAL A 73 4.11 -24.59 8.42
N ILE A 74 3.07 -25.26 8.94
CA ILE A 74 2.14 -24.69 9.88
C ILE A 74 2.47 -25.36 11.21
N ASP A 75 3.12 -24.61 12.09
CA ASP A 75 3.72 -25.18 13.29
C ASP A 75 2.68 -25.46 14.36
N GLN A 76 3.13 -26.12 15.42
CA GLN A 76 2.23 -26.45 16.52
C GLN A 76 1.63 -25.20 17.16
N ASN A 77 2.35 -24.09 17.12
CA ASN A 77 1.89 -22.84 17.69
C ASN A 77 1.11 -21.99 16.69
N GLY A 78 0.83 -22.53 15.50
CA GLY A 78 0.12 -21.81 14.46
C GLY A 78 0.97 -20.90 13.61
N ASN A 79 2.26 -20.76 13.90
CA ASN A 79 3.13 -19.92 13.09
C ASN A 79 3.32 -20.59 11.74
N VAL A 80 3.30 -19.80 10.68
CA VAL A 80 3.48 -20.31 9.33
C VAL A 80 4.88 -19.93 8.88
N GLY A 81 5.68 -20.91 8.49
CA GLY A 81 7.02 -20.68 7.95
C GLY A 81 7.05 -21.02 6.47
N VAL A 82 7.50 -20.07 5.67
CA VAL A 82 7.61 -20.24 4.23
C VAL A 82 9.10 -20.21 3.92
N GLY A 83 9.69 -21.38 3.71
CA GLY A 83 11.15 -21.47 3.67
C GLY A 83 11.83 -21.37 5.02
N VAL A 84 11.07 -21.45 6.11
CA VAL A 84 11.54 -21.33 7.48
C VAL A 84 11.02 -22.55 8.23
N GLY A 85 11.92 -23.27 8.91
CA GLY A 85 11.50 -24.52 9.50
C GLY A 85 10.90 -24.40 10.89
N ALA A 86 11.40 -23.43 11.65
CA ALA A 86 10.98 -23.17 13.02
C ALA A 86 10.58 -21.70 13.11
N PRO A 87 9.46 -21.32 12.49
CA PRO A 87 9.10 -19.91 12.42
C PRO A 87 8.84 -19.33 13.80
N THR A 88 9.36 -18.12 14.02
CA THR A 88 9.02 -17.38 15.22
C THR A 88 7.92 -16.36 14.99
N ALA A 89 7.65 -15.99 13.75
CA ALA A 89 6.60 -15.05 13.44
C ALA A 89 5.36 -15.79 12.93
N LYS A 90 4.19 -15.17 13.13
CA LYS A 90 2.96 -15.78 12.66
C LYS A 90 3.01 -16.03 11.15
N MET A 91 3.63 -15.12 10.39
CA MET A 91 3.86 -15.32 8.95
C MET A 91 5.35 -15.01 8.77
N ASP A 92 6.15 -16.05 8.59
CA ASP A 92 7.61 -15.97 8.55
C ASP A 92 8.06 -16.38 7.14
N VAL A 93 8.46 -15.40 6.34
CA VAL A 93 8.71 -15.58 4.91
C VAL A 93 10.20 -15.46 4.62
N ASN A 94 10.81 -16.52 4.07
CA ASN A 94 12.23 -16.54 3.73
C ASN A 94 12.44 -16.01 2.30
N GLY A 95 12.01 -14.77 2.12
CA GLY A 95 12.12 -14.13 0.81
C GLY A 95 11.30 -12.87 0.77
N GLY A 96 11.02 -12.44 -0.44
CA GLY A 96 10.25 -11.24 -0.65
C GLY A 96 8.74 -11.45 -0.63
N ILE A 97 8.03 -10.34 -0.50
CA ILE A 97 6.57 -10.32 -0.48
C ILE A 97 6.11 -9.43 -1.62
N LYS A 98 5.20 -9.94 -2.45
CA LYS A 98 4.68 -9.20 -3.58
C LYS A 98 3.17 -9.10 -3.52
N GLN A 99 2.65 -7.93 -3.90
CA GLN A 99 1.23 -7.65 -4.06
C GLN A 99 0.98 -7.06 -5.45
N PRO A 100 -0.27 -6.83 -5.82
CA PRO A 100 -0.54 -6.36 -7.18
C PRO A 100 -0.04 -4.93 -7.39
N ASN A 101 0.24 -4.62 -8.66
CA ASN A 101 0.59 -3.27 -9.06
C ASN A 101 -0.69 -2.53 -9.35
N TYR A 102 -1.04 -1.58 -8.47
CA TYR A 102 -2.30 -0.86 -8.61
C TYR A 102 -2.16 0.43 -9.39
N GLY A 103 -1.04 0.63 -10.08
CA GLY A 103 -0.97 1.75 -11.00
C GLY A 103 -0.76 3.08 -10.29
N ILE A 104 -1.09 4.15 -11.04
CA ILE A 104 -0.92 5.53 -10.59
C ILE A 104 -2.22 5.99 -10.00
N ILE A 105 -2.16 6.68 -8.87
CA ILE A 105 -3.33 7.16 -8.17
C ILE A 105 -3.41 8.68 -8.27
N SER A 106 -4.60 9.19 -8.57
CA SER A 106 -4.75 10.63 -8.65
C SER A 106 -6.08 11.06 -8.05
N ALA A 107 -6.09 12.28 -7.50
CA ALA A 107 -7.33 12.90 -7.00
C ALA A 107 -7.08 14.40 -7.03
N VAL A 108 -7.71 15.09 -7.98
CA VAL A 108 -7.48 16.50 -8.24
C VAL A 108 -8.84 17.18 -8.23
N ARG A 109 -9.03 18.10 -7.29
CA ARG A 109 -10.19 18.98 -7.34
C ARG A 109 -9.66 20.40 -7.47
N ASN A 110 -10.05 21.09 -8.54
CA ASN A 110 -9.65 22.48 -8.73
C ASN A 110 -10.73 23.20 -9.52
N SER A 111 -10.38 24.35 -10.08
CA SER A 111 -11.28 25.13 -10.92
C SER A 111 -11.86 24.30 -12.05
N GLY A 112 -11.08 23.34 -12.57
CA GLY A 112 -11.52 22.51 -13.67
C GLY A 112 -12.55 21.49 -13.29
N GLY A 113 -12.70 21.22 -12.00
CA GLY A 113 -13.67 20.25 -11.54
C GLY A 113 -13.03 19.22 -10.65
N VAL A 114 -13.73 18.10 -10.51
CA VAL A 114 -13.39 16.98 -9.64
C VAL A 114 -12.99 15.81 -10.52
N THR A 115 -11.77 15.33 -10.35
CA THR A 115 -11.35 14.12 -11.04
C THR A 115 -10.61 13.24 -10.05
N ALA A 116 -10.57 11.94 -10.35
CA ALA A 116 -9.79 10.99 -9.58
C ALA A 116 -9.60 9.72 -10.40
N SER A 117 -8.46 9.10 -10.23
CA SER A 117 -8.18 7.76 -10.73
C SER A 117 -7.80 6.91 -9.54
N MET A 118 -8.68 5.98 -9.19
CA MET A 118 -8.52 5.18 -7.99
C MET A 118 -8.82 3.74 -8.36
N PRO A 119 -7.92 2.80 -8.11
CA PRO A 119 -8.09 1.42 -8.61
C PRO A 119 -9.02 0.55 -7.78
N TRP A 120 -9.75 1.14 -6.84
CA TRP A 120 -10.73 0.42 -6.04
C TRP A 120 -12.00 1.25 -5.96
N THR A 121 -13.12 0.56 -5.83
CA THR A 121 -14.35 1.26 -5.55
C THR A 121 -14.44 1.62 -4.06
N ASN A 122 -15.37 2.53 -3.77
CA ASN A 122 -15.71 2.85 -2.39
C ASN A 122 -16.11 1.59 -1.62
N ALA A 123 -16.98 0.77 -2.24
CA ALA A 123 -17.47 -0.42 -1.55
C ALA A 123 -16.33 -1.40 -1.30
N TYR A 124 -15.42 -1.55 -2.25
CA TYR A 124 -14.30 -2.47 -2.04
C TYR A 124 -13.43 -2.01 -0.86
N VAL A 125 -13.10 -0.72 -0.82
CA VAL A 125 -12.28 -0.19 0.27
C VAL A 125 -12.98 -0.42 1.60
N LEU A 126 -14.29 -0.16 1.66
CA LEU A 126 -15.02 -0.36 2.90
C LEU A 126 -15.05 -1.84 3.29
N ALA A 127 -15.06 -2.75 2.31
CA ALA A 127 -15.04 -4.16 2.66
C ALA A 127 -13.67 -4.68 3.05
N HIS A 128 -12.62 -3.89 2.87
CA HIS A 128 -11.26 -4.36 3.02
C HIS A 128 -10.48 -3.48 3.98
N GLN A 129 -11.12 -3.13 5.09
CA GLN A 129 -10.51 -2.26 6.09
C GLN A 129 -9.23 -2.85 6.67
N GLY A 130 -8.25 -1.97 6.89
CA GLY A 130 -6.99 -2.33 7.51
C GLY A 130 -5.98 -3.00 6.60
N GLU A 131 -6.27 -3.13 5.31
CA GLU A 131 -5.39 -3.85 4.41
C GLU A 131 -4.35 -2.91 3.81
N MET A 132 -3.11 -3.35 3.84
CA MET A 132 -2.01 -2.60 3.27
CA MET A 132 -1.99 -2.62 3.28
CA MET A 132 -1.99 -2.60 3.27
C MET A 132 -1.67 -3.13 1.87
N HIS A 133 -1.14 -2.25 1.04
CA HIS A 133 -0.78 -2.55 -0.35
C HIS A 133 0.47 -1.75 -0.68
N GLN A 134 1.50 -2.42 -1.17
CA GLN A 134 2.74 -1.74 -1.55
C GLN A 134 3.11 -2.12 -2.98
N TRP A 135 3.51 -1.15 -3.79
CA TRP A 135 3.91 -1.45 -5.18
C TRP A 135 4.72 -0.29 -5.72
N VAL A 136 5.30 -0.44 -6.91
CA VAL A 136 6.08 0.63 -7.53
C VAL A 136 5.32 1.16 -8.73
N ALA A 137 5.19 2.48 -8.81
CA ALA A 137 4.61 3.08 -10.02
C ALA A 137 4.89 4.58 -10.03
N GLY A 138 4.48 5.24 -11.11
N GLY A 138 4.48 5.24 -11.11
CA GLY A 138 4.59 6.67 -11.17
CA GLY A 138 4.59 6.67 -11.17
C GLY A 138 3.81 7.34 -10.05
C GLY A 138 3.81 7.34 -10.05
N GLY A 139 4.32 8.50 -9.61
CA GLY A 139 3.77 9.17 -8.45
C GLY A 139 2.36 9.68 -8.66
N PRO A 140 1.72 10.03 -7.54
CA PRO A 140 0.34 10.50 -7.60
C PRO A 140 0.27 11.97 -7.98
N ILE A 141 -0.92 12.35 -8.43
CA ILE A 141 -1.27 13.73 -8.70
CA ILE A 141 -1.27 13.73 -8.71
C ILE A 141 -2.40 14.10 -7.75
N LEU A 142 -2.12 15.07 -6.87
CA LEU A 142 -3.00 15.34 -5.72
C LEU A 142 -3.19 16.83 -5.50
N GLN A 143 -4.45 17.23 -5.31
CA GLN A 143 -4.78 18.62 -4.99
C GLN A 143 -6.25 18.72 -4.62
N ASP A 144 -6.56 19.61 -3.68
CA ASP A 144 -7.94 20.12 -3.53
C ASP A 144 -7.84 21.61 -3.22
N SER A 145 -7.99 22.43 -4.26
CA SER A 145 -7.92 23.87 -4.07
C SER A 145 -9.29 24.50 -3.96
N VAL A 146 -10.35 23.70 -3.80
CA VAL A 146 -11.69 24.22 -3.62
C VAL A 146 -12.08 24.28 -2.15
N THR A 147 -11.72 23.25 -1.40
CA THR A 147 -12.21 23.05 -0.03
C THR A 147 -11.23 22.26 0.83
N GLY A 148 -10.88 21.04 0.41
CA GLY A 148 -10.34 20.06 1.34
C GLY A 148 -8.89 20.29 1.73
N CYS A 149 -8.05 20.69 0.77
CA CYS A 149 -6.65 20.92 1.04
C CYS A 149 -6.25 22.36 0.74
N ASN A 150 -7.12 23.30 1.08
CA ASN A 150 -6.87 24.72 0.90
C ASN A 150 -6.90 25.43 2.25
N ALA A 151 -6.26 24.81 3.24
CA ALA A 151 -5.90 25.46 4.49
C ALA A 151 -4.47 25.03 4.84
N GLY A 152 -4.00 25.46 6.01
CA GLY A 152 -2.64 25.16 6.42
C GLY A 152 -1.62 25.97 5.64
N PRO A 153 -0.33 25.72 5.90
CA PRO A 153 0.73 26.59 5.35
C PRO A 153 0.74 26.69 3.81
N ASP A 154 0.33 25.64 3.10
CA ASP A 154 0.42 25.61 1.64
C ASP A 154 -0.94 25.23 1.04
N ALA A 155 -1.93 26.06 1.36
CA ALA A 155 -3.27 25.88 0.85
C ALA A 155 -3.29 25.75 -0.68
N GLY A 156 -3.97 24.72 -1.18
CA GLY A 156 -4.28 24.62 -2.60
C GLY A 156 -3.18 24.12 -3.51
N VAL A 157 -2.05 23.68 -2.96
CA VAL A 157 -0.96 23.22 -3.84
C VAL A 157 -1.33 21.93 -4.55
N LYS A 158 -0.66 21.68 -5.66
CA LYS A 158 -0.75 20.42 -6.38
C LYS A 158 0.57 19.70 -6.28
N PHE A 159 0.51 18.47 -5.78
CA PHE A 159 1.61 17.51 -5.86
C PHE A 159 1.45 16.86 -7.23
N ASP A 160 2.23 17.31 -8.21
CA ASP A 160 2.03 17.01 -9.63
C ASP A 160 3.16 16.09 -10.09
N SER A 161 3.00 14.79 -9.83
CA SER A 161 4.02 13.84 -10.22
C SER A 161 4.09 13.65 -11.73
N ILE A 162 5.30 13.70 -12.25
CA ILE A 162 5.58 13.30 -13.62
C ILE A 162 5.93 11.81 -13.61
N ALA A 163 5.19 11.03 -14.39
CA ALA A 163 5.46 9.60 -14.44
C ALA A 163 6.84 9.41 -15.05
N THR A 164 7.68 8.62 -14.39
CA THR A 164 8.98 8.29 -14.93
C THR A 164 9.19 6.79 -14.82
N SER A 165 10.22 6.31 -15.54
CA SER A 165 10.59 4.90 -15.44
C SER A 165 11.02 4.54 -14.03
N TRP A 166 11.62 5.47 -13.32
CA TRP A 166 12.02 5.21 -11.94
C TRP A 166 10.82 5.05 -11.03
N GLY A 167 9.87 5.99 -11.09
CA GLY A 167 8.69 5.93 -10.25
C GLY A 167 9.09 5.92 -8.80
N GLY A 168 8.29 5.25 -7.98
CA GLY A 168 8.59 5.15 -6.57
C GLY A 168 7.60 4.22 -5.91
N PRO A 169 7.82 3.91 -4.62
CA PRO A 169 6.94 2.98 -3.91
C PRO A 169 5.71 3.70 -3.38
N TYR A 170 4.56 3.11 -3.61
CA TYR A 170 3.31 3.45 -2.96
C TYR A 170 3.14 2.53 -1.75
N LYS A 171 2.52 3.11 -0.72
CA LYS A 171 1.94 2.35 0.38
C LYS A 171 0.52 2.90 0.58
N VAL A 172 -0.47 2.04 0.46
CA VAL A 172 -1.86 2.43 0.65
C VAL A 172 -2.52 1.48 1.64
N ILE A 173 -3.05 2.03 2.72
CA ILE A 173 -3.81 1.23 3.67
C ILE A 173 -5.24 1.74 3.72
N PHE A 174 -6.20 0.82 3.77
CA PHE A 174 -7.62 1.14 3.68
C PHE A 174 -8.19 1.49 5.06
N HIS A 175 -9.06 2.49 5.08
CA HIS A 175 -9.64 3.06 6.30
C HIS A 175 -11.05 3.59 5.97
N THR A 176 -11.62 4.39 6.86
CA THR A 176 -13.00 4.81 6.72
C THR A 176 -13.20 6.14 7.43
N THR A 177 -14.12 6.95 6.90
CA THR A 177 -14.61 8.11 7.63
C THR A 177 -15.65 7.72 8.68
N GLY A 178 -16.05 6.46 8.71
CA GLY A 178 -17.23 6.02 9.41
C GLY A 178 -18.40 5.77 8.49
N SER A 179 -18.45 6.42 7.32
CA SER A 179 -19.48 6.12 6.34
C SER A 179 -18.92 5.70 4.99
N ASN A 180 -17.80 6.27 4.57
CA ASN A 180 -17.27 6.06 3.23
C ASN A 180 -15.81 5.67 3.30
N GLY A 181 -15.33 5.12 2.19
CA GLY A 181 -13.96 4.65 2.15
C GLY A 181 -12.97 5.78 2.28
N ALA A 182 -11.90 5.52 3.00
CA ALA A 182 -10.77 6.43 3.04
C ALA A 182 -9.51 5.61 2.80
N ILE A 183 -8.46 6.25 2.30
CA ILE A 183 -7.16 5.60 2.17
C ILE A 183 -6.11 6.52 2.75
N HIS A 184 -5.12 5.93 3.42
CA HIS A 184 -3.90 6.63 3.74
C HIS A 184 -2.83 6.20 2.74
N LEU A 185 -2.26 7.17 2.04
CA LEU A 185 -1.37 6.94 0.91
C LEU A 185 -0.02 7.58 1.16
N GLU A 186 1.03 6.86 0.86
CA GLU A 186 2.39 7.35 0.91
C GLU A 186 3.04 7.08 -0.44
N TRP A 187 3.85 8.02 -0.91
CA TRP A 187 4.69 7.80 -2.08
C TRP A 187 5.91 8.68 -2.02
N SER A 188 7.04 8.15 -2.51
CA SER A 188 8.27 8.93 -2.67
C SER A 188 8.90 8.55 -3.98
N GLY A 189 9.61 9.47 -4.60
CA GLY A 189 10.26 9.15 -5.87
C GLY A 189 10.48 10.34 -6.76
N TRP A 190 10.76 10.02 -8.01
CA TRP A 190 11.11 10.97 -9.05
C TRP A 190 10.05 10.84 -10.15
N GLN A 191 9.63 11.96 -10.74
CA GLN A 191 9.96 13.36 -10.50
C GLN A 191 8.64 14.03 -10.15
N VAL A 192 8.67 15.07 -9.31
CA VAL A 192 7.43 15.71 -8.88
C VAL A 192 7.58 17.21 -9.06
N SER A 193 6.55 17.85 -9.65
CA SER A 193 6.45 19.30 -9.71
C SER A 193 5.46 19.74 -8.64
N LEU A 194 5.90 20.59 -7.71
CA LEU A 194 5.01 21.24 -6.76
C LEU A 194 4.55 22.55 -7.38
N LYS A 195 3.23 22.67 -7.60
CA LYS A 195 2.61 23.85 -8.16
C LYS A 195 1.69 24.51 -7.14
N ASN A 196 1.54 25.83 -7.24
CA ASN A 196 0.58 26.51 -6.39
C ASN A 196 -0.82 26.36 -7.00
N SER A 197 -1.82 26.95 -6.34
CA SER A 197 -3.18 26.82 -6.84
C SER A 197 -3.39 27.55 -8.16
N ALA A 198 -2.49 28.47 -8.54
CA ALA A 198 -2.55 29.16 -9.82
C ALA A 198 -1.81 28.42 -10.94
N GLY A 199 -1.21 27.27 -10.64
CA GLY A 199 -0.48 26.51 -11.63
C GLY A 199 1.00 26.85 -11.72
N THR A 200 1.48 27.80 -10.91
CA THR A 200 2.88 28.21 -10.95
C THR A 200 3.77 27.17 -10.29
N GLU A 201 4.73 26.64 -11.05
CA GLU A 201 5.67 25.68 -10.50
C GLU A 201 6.51 26.35 -9.41
N LEU A 202 6.37 25.85 -8.19
CA LEU A 202 7.18 26.30 -7.07
C LEU A 202 8.47 25.52 -6.99
N ALA A 203 8.44 24.25 -7.38
CA ALA A 203 9.68 23.48 -7.31
C ALA A 203 9.48 22.20 -8.09
N ILE A 204 10.59 21.54 -8.45
CA ILE A 204 10.53 20.31 -9.21
C ILE A 204 11.76 19.46 -8.88
N GLY A 205 11.52 18.18 -8.64
CA GLY A 205 12.62 17.29 -8.33
C GLY A 205 12.14 16.02 -7.67
N MET A 206 12.79 15.62 -6.59
CA MET A 206 12.32 14.46 -5.83
C MET A 206 11.12 14.88 -5.00
N GLY A 207 10.15 13.99 -4.86
CA GLY A 207 8.95 14.31 -4.12
C GLY A 207 8.53 13.19 -3.20
N GLN A 208 7.99 13.57 -2.05
CA GLN A 208 7.40 12.62 -1.12
C GLN A 208 6.06 13.19 -0.65
N VAL A 209 5.08 12.33 -0.46
CA VAL A 209 3.80 12.77 0.07
C VAL A 209 3.20 11.70 0.99
N PHE A 210 2.61 12.17 2.09
CA PHE A 210 1.61 11.41 2.82
C PHE A 210 0.29 12.15 2.62
N ALA A 211 -0.74 11.42 2.21
CA ALA A 211 -2.03 12.03 1.93
C ALA A 211 -3.14 11.11 2.42
N THR A 212 -4.25 11.72 2.84
CA THR A 212 -5.46 10.97 3.20
C THR A 212 -6.54 11.36 2.23
N LEU A 213 -7.10 10.36 1.54
CA LEU A 213 -8.15 10.61 0.55
C LEU A 213 -9.43 9.91 1.02
N HIS A 214 -10.58 10.45 0.63
CA HIS A 214 -11.81 9.75 0.94
C HIS A 214 -12.82 9.92 -0.17
N TYR A 215 -13.76 8.98 -0.23
CA TYR A 215 -14.81 9.06 -1.22
C TYR A 215 -15.86 10.01 -0.69
N ASP A 216 -16.04 11.14 -1.38
CA ASP A 216 -16.99 12.16 -0.95
C ASP A 216 -18.25 12.10 -1.78
N PRO A 217 -19.36 11.61 -1.25
CA PRO A 217 -20.59 11.54 -2.05
C PRO A 217 -21.10 12.90 -2.51
N ALA A 218 -20.76 13.98 -1.79
CA ALA A 218 -21.25 15.30 -2.19
C ALA A 218 -20.67 15.76 -3.52
N VAL A 219 -19.56 15.18 -3.96
CA VAL A 219 -18.99 15.45 -5.27
C VAL A 219 -18.80 14.18 -6.10
N SER A 220 -19.38 13.05 -5.65
CA SER A 220 -19.38 11.78 -6.38
C SER A 220 -17.98 11.32 -6.77
N ASN A 221 -17.00 11.50 -5.88
CA ASN A 221 -15.66 11.05 -6.20
C ASN A 221 -14.74 11.19 -5.00
N TRP A 222 -13.55 10.63 -5.17
CA TRP A 222 -12.48 10.72 -4.18
C TRP A 222 -11.89 12.13 -4.18
N ARG A 223 -11.47 12.58 -3.00
CA ARG A 223 -10.89 13.89 -2.80
C ARG A 223 -9.78 13.79 -1.77
N VAL A 224 -8.85 14.72 -1.82
CA VAL A 224 -7.79 14.82 -0.82
C VAL A 224 -8.31 15.59 0.38
N GLU A 225 -8.25 14.98 1.56
CA GLU A 225 -8.66 15.67 2.78
C GLU A 225 -7.52 16.44 3.41
N HIS A 226 -6.31 15.86 3.41
CA HIS A 226 -5.13 16.55 3.90
C HIS A 226 -3.89 15.82 3.40
N MET A 227 -2.80 16.55 3.26
CA MET A 227 -1.58 15.92 2.82
C MET A 227 -0.41 16.79 3.21
N PHE A 228 0.76 16.16 3.29
CA PHE A 228 1.99 16.90 3.56
C PHE A 228 3.15 16.08 3.04
N GLY A 229 4.23 16.77 2.71
CA GLY A 229 5.40 16.10 2.19
C GLY A 229 6.45 17.10 1.82
N ARG A 230 7.18 16.80 0.74
CA ARG A 230 8.27 17.66 0.35
C ARG A 230 8.55 17.50 -1.11
N ILE A 231 9.01 18.60 -1.72
CA ILE A 231 9.67 18.54 -3.02
C ILE A 231 11.07 19.07 -2.79
N ASN A 232 12.07 18.26 -3.14
CA ASN A 232 13.47 18.54 -2.77
C ASN A 232 13.54 18.83 -1.27
N ASN A 233 14.08 19.99 -0.88
CA ASN A 233 14.18 20.33 0.53
C ASN A 233 13.00 21.16 1.05
N THR A 234 12.01 21.46 0.21
CA THR A 234 10.88 22.29 0.61
C THR A 234 9.72 21.43 1.13
N ASN A 235 9.45 21.56 2.43
CA ASN A 235 8.27 20.93 3.01
C ASN A 235 7.03 21.70 2.56
N PHE A 236 5.94 20.95 2.34
CA PHE A 236 4.61 21.53 2.13
C PHE A 236 3.59 20.81 3.02
N THR A 237 2.53 21.53 3.38
CA THR A 237 1.46 20.99 4.21
C THR A 237 0.15 21.67 3.86
N CYS A 238 -0.91 20.87 3.63
CA CYS A 238 -2.22 21.48 3.49
C CYS A 238 -3.28 20.60 4.12
N TRP A 239 -4.36 21.23 4.56
CA TRP A 239 -5.47 20.48 5.10
C TRP A 239 -6.74 21.29 4.92
#